data_2G9C
#
_entry.id   2G9C
#
_cell.length_a   131.990
_cell.length_b   35.100
_cell.length_c   41.800
_cell.angle_alpha   90.00
_cell.angle_beta   90.43
_cell.angle_gamma   90.00
#
_symmetry.space_group_name_H-M   'C 1 2 1'
#
loop_
_entity.id
_entity.type
_entity.pdbx_description
1 polymer 'guanine riboswitch'
2 non-polymer 'ACETATE ION'
3 non-polymer 'COBALT HEXAMMINE(III)'
4 non-polymer PYRIMIDINE-2,4,6-TRIAMINE
5 water water
#
_entity_poly.entity_id   1
_entity_poly.type   'polyribonucleotide'
_entity_poly.pdbx_seq_one_letter_code
;GGACAUAUAAUCGCGUGGAUAUGGCACGCAAGUUUCUACCGGGCACCGUAAAUGUCCGAUUAUGUCC
;
_entity_poly.pdbx_strand_id   A
#
loop_
_chem_comp.id
_chem_comp.type
_chem_comp.name
_chem_comp.formula
3AY non-polymer PYRIMIDINE-2,4,6-TRIAMINE 'C4 H7 N5'
A RNA linking ADENOSINE-5'-MONOPHOSPHATE 'C10 H14 N5 O7 P'
ACT non-polymer 'ACETATE ION' 'C2 H3 O2 -1'
C RNA linking CYTIDINE-5'-MONOPHOSPHATE 'C9 H14 N3 O8 P'
G RNA linking GUANOSINE-5'-MONOPHOSPHATE 'C10 H14 N5 O8 P'
NCO non-polymer 'COBALT HEXAMMINE(III)' 'Co H18 N6 3'
U RNA linking URIDINE-5'-MONOPHOSPHATE 'C9 H13 N2 O9 P'
#
# COMPACT_ATOMS: atom_id res chain seq x y z
C ACT B . -8.83 -7.24 0.18
O ACT B . -9.84 -6.79 -0.42
OXT ACT B . -8.04 -8.23 -0.18
CH3 ACT B . -8.39 -6.54 1.47
CO NCO C . -10.33 1.84 5.27
N1 NCO C . -11.49 0.39 5.38
N2 NCO C . -9.11 3.31 5.16
N3 NCO C . -10.05 1.82 7.26
N4 NCO C . -10.59 1.90 3.28
N5 NCO C . -8.80 0.58 5.03
N6 NCO C . -11.88 3.09 5.49
CO NCO D . 0.37 -12.80 -4.97
N1 NCO D . 0.55 -13.15 -3.00
N2 NCO D . 0.20 -12.43 -6.92
N3 NCO D . 1.68 -11.41 -4.84
N4 NCO D . -0.98 -14.19 -5.11
N5 NCO D . 1.78 -14.17 -5.38
N6 NCO D . -1.06 -11.49 -4.54
CO NCO E . 1.00 -6.42 2.02
N1 NCO E . 1.62 -7.23 3.72
N2 NCO E . 0.37 -5.63 0.31
N3 NCO E . 2.85 -6.21 1.44
N4 NCO E . -0.89 -6.64 2.60
N5 NCO E . 0.91 -8.25 1.21
N6 NCO E . 1.04 -4.66 2.85
CO NCO F . -14.57 -3.20 -2.42
N1 NCO F . -14.62 -4.36 -0.81
N2 NCO F . -14.52 -2.06 -4.03
N3 NCO F . -14.62 -1.56 -1.27
N4 NCO F . -14.56 -4.83 -3.58
N5 NCO F . -12.58 -3.26 -2.33
N6 NCO F . -16.57 -3.17 -2.48
CO NCO G . -0.81 -16.03 4.14
N1 NCO G . 0.16 -16.48 5.79
N2 NCO G . -1.79 -15.58 2.44
N3 NCO G . -0.74 -14.06 4.60
N4 NCO G . -0.88 -17.95 3.68
N5 NCO G . 0.91 -15.86 3.16
N6 NCO G . -2.53 -16.16 5.12
CO NCO H . -4.85 4.83 7.89
N1 NCO H . -3.05 4.16 8.32
N2 NCO H . -6.68 5.52 7.46
N3 NCO H . -4.06 6.30 6.82
N4 NCO H . -5.65 3.36 8.99
N5 NCO H . -4.91 3.69 6.27
N6 NCO H . -4.81 6.00 9.49
CO NCO I . -0.19 -0.64 -10.37
N1 NCO I . 1.49 -0.78 -9.34
N2 NCO I . -1.86 -0.50 -11.41
N3 NCO I . -0.30 1.29 -9.97
N4 NCO I . -0.08 -2.57 -10.78
N5 NCO I . 0.85 -0.25 -11.99
N6 NCO I . -1.22 -1.03 -8.75
CO NCO J . 2.44 14.07 -10.81
N1 NCO J . 2.07 12.71 -9.42
N2 NCO J . 2.82 15.44 -12.19
N3 NCO J . 4.35 13.56 -10.83
N4 NCO J . 0.55 14.58 -10.75
N5 NCO J . 2.08 12.76 -12.21
N6 NCO J . 2.83 15.39 -9.39
CO NCO K . 9.70 2.81 7.97
N1 NCO K . 8.82 2.28 9.68
N2 NCO K . 10.58 3.38 6.28
N3 NCO K . 11.39 3.15 8.96
N4 NCO K . 8.01 2.50 6.99
N5 NCO K . 10.27 0.92 7.64
N6 NCO K . 9.15 4.69 8.31
CO NCO L . 8.75 18.22 6.74
N1 NCO L . 10.44 19.20 6.97
N2 NCO L . 7.04 17.25 6.52
N3 NCO L . 9.08 18.09 4.81
N4 NCO L . 8.40 18.36 8.68
N5 NCO L . 9.68 16.51 7.03
N6 NCO L . 7.81 19.93 6.45
CO NCO M . -18.08 -11.07 -4.06
N1 NCO M . -17.96 -12.76 -5.09
N2 NCO M . -18.21 -9.38 -3.02
N3 NCO M . -17.17 -11.93 -2.51
N4 NCO M . -19.00 -10.22 -5.59
N5 NCO M . -16.31 -10.50 -4.79
N6 NCO M . -19.83 -11.64 -3.33
CO NCO N . 18.68 1.26 5.02
N1 NCO N . 20.57 0.72 5.17
N2 NCO N . 16.80 1.80 4.84
N3 NCO N . 19.13 2.34 3.44
N4 NCO N . 18.26 0.18 6.60
N5 NCO N . 18.34 -0.27 3.86
N6 NCO N . 19.05 2.81 6.17
NAA 3AY O . 8.68 11.05 -5.21
C6 3AY O . 9.38 9.92 -5.17
C5 3AY O . 10.00 9.54 -3.99
N1 3AY O . 9.46 9.14 -6.25
C2 3AY O . 10.11 7.97 -6.23
NAH 3AY O . 10.09 7.17 -7.30
N3 3AY O . 10.72 7.57 -5.10
C4 3AY O . 10.68 8.33 -3.99
NAI 3AY O . 11.29 7.90 -2.89
#